data_4AT5
#
_entry.id   4AT5
#
_cell.length_a   88.540
_cell.length_b   94.190
_cell.length_c   46.320
_cell.angle_alpha   90.00
_cell.angle_beta   90.00
_cell.angle_gamma   90.00
#
_symmetry.space_group_name_H-M   'P 21 21 2'
#
loop_
_entity.id
_entity.type
_entity.pdbx_description
1 polymer 'BDNF/NT-3 GROWTH FACTORS RECEPTOR'
2 non-polymer 5-{3-methoxy-4-[(4-methoxybenzyl)oxy]benzyl}pyrimidine-2,4-diamine
3 non-polymer GLYCEROL
4 water water
#
_entity_poly.entity_id   1
_entity_poly.type   'polypeptide(L)'
_entity_poly.pdbx_seq_one_letter_code
;GAMDTFVQHIKRHNIVLKRELGEGAFGKVFLAECYNLCPEQDKILVAVKTLKDASDNARKDFHREAELLTNLQHEHIVKF
YGVCVEGDPLIMVFEYMKHGDLNKFLRAHGPDAVLMAEGNPPTELTQSQMLHIAQQIAAGMVYLASQHFVHRDLATRNCL
VGENLLVKIGDFGMSRDVYSTDYYRVGGHTMLPIRWMPPESIMYRKFTTESDVWSLGVVLWEIFTYGKQPWYQLSNNEVI
ECITQGRVLQRPRTCPQEVYELMLGCWQREPHMRKNIKGIHTLLQNLAKASPVYLDILG
;
_entity_poly.pdbx_strand_id   A
#
loop_
_chem_comp.id
_chem_comp.type
_chem_comp.name
_chem_comp.formula
GOL non-polymer GLYCEROL 'C3 H8 O3'
MUJ non-polymer 5-{3-methoxy-4-[(4-methoxybenzyl)oxy]benzyl}pyrimidine-2,4-diamine 'C20 H22 N4 O3'
#
# COMPACT_ATOMS: atom_id res chain seq x y z
N GLY A 1 -16.92 -11.26 -9.72
CA GLY A 1 -18.10 -12.08 -9.94
C GLY A 1 -18.18 -13.27 -9.01
N ALA A 2 -19.27 -14.05 -9.11
CA ALA A 2 -19.47 -15.21 -8.23
C ALA A 2 -18.33 -16.26 -8.35
N MET A 3 -17.76 -16.42 -9.55
CA MET A 3 -16.66 -17.39 -9.76
C MET A 3 -15.39 -17.04 -8.99
N ASP A 4 -15.13 -15.72 -8.71
CA ASP A 4 -13.92 -15.28 -8.00
C ASP A 4 -13.89 -15.75 -6.56
N THR A 5 -15.04 -16.22 -6.03
CA THR A 5 -15.16 -16.75 -4.68
C THR A 5 -14.33 -18.02 -4.51
N PHE A 6 -14.03 -18.71 -5.63
CA PHE A 6 -13.33 -20.01 -5.63
C PHE A 6 -11.89 -19.82 -6.03
N VAL A 7 -10.98 -20.23 -5.14
CA VAL A 7 -9.54 -20.01 -5.35
C VAL A 7 -9.02 -20.77 -6.56
N GLN A 8 -8.28 -20.07 -7.42
CA GLN A 8 -7.62 -20.67 -8.57
C GLN A 8 -6.36 -21.39 -8.09
N HIS A 9 -6.23 -22.68 -8.43
CA HIS A 9 -5.01 -23.41 -8.08
C HIS A 9 -4.09 -23.48 -9.31
N ILE A 10 -2.79 -23.36 -9.06
CA ILE A 10 -1.76 -23.28 -10.10
C ILE A 10 -0.83 -24.48 -9.95
N LYS A 11 -0.45 -25.10 -11.08
CA LYS A 11 0.46 -26.26 -11.08
C LYS A 11 1.87 -25.85 -10.65
N ARG A 12 2.51 -26.63 -9.77
CA ARG A 12 3.88 -26.34 -9.30
C ARG A 12 4.86 -26.18 -10.44
N HIS A 13 4.71 -27.00 -11.52
CA HIS A 13 5.58 -26.92 -12.69
C HIS A 13 5.55 -25.55 -13.35
N ASN A 14 4.40 -24.84 -13.26
CA ASN A 14 4.22 -23.53 -13.90
C ASN A 14 4.83 -22.36 -13.13
N ILE A 15 5.44 -22.63 -11.97
CA ILE A 15 6.08 -21.56 -11.18
C ILE A 15 7.60 -21.83 -11.09
N VAL A 16 8.43 -20.82 -11.42
CA VAL A 16 9.87 -20.97 -11.28
C VAL A 16 10.38 -19.82 -10.38
N LEU A 17 10.81 -20.14 -9.15
CA LEU A 17 11.33 -19.13 -8.23
C LEU A 17 12.64 -18.56 -8.77
N LYS A 18 12.81 -17.23 -8.72
CA LYS A 18 14.00 -16.58 -9.27
C LYS A 18 14.90 -15.95 -8.24
N ARG A 19 14.32 -15.16 -7.32
CA ARG A 19 15.14 -14.48 -6.32
C ARG A 19 14.28 -13.96 -5.21
N GLU A 20 14.88 -13.82 -4.02
CA GLU A 20 14.15 -13.34 -2.86
C GLU A 20 13.95 -11.84 -2.91
N LEU A 21 12.73 -11.39 -2.55
CA LEU A 21 12.39 -9.96 -2.52
C LEU A 21 12.47 -9.41 -1.10
N GLY A 22 12.31 -10.27 -0.12
CA GLY A 22 12.34 -9.84 1.28
C GLY A 22 11.65 -10.82 2.17
N GLU A 23 11.83 -10.65 3.48
CA GLU A 23 11.24 -11.56 4.44
C GLU A 23 9.82 -11.11 4.73
N GLY A 24 8.86 -12.00 4.49
CA GLY A 24 7.46 -11.74 4.78
C GLY A 24 7.13 -12.15 6.20
N ALA A 25 5.95 -11.73 6.69
CA ALA A 25 5.50 -12.05 8.05
C ALA A 25 5.39 -13.56 8.31
N PHE A 26 5.08 -14.37 7.26
CA PHE A 26 4.94 -15.82 7.44
C PHE A 26 5.93 -16.66 6.62
N GLY A 27 6.79 -16.01 5.85
CA GLY A 27 7.74 -16.71 5.00
C GLY A 27 8.39 -15.80 3.99
N LYS A 28 9.26 -16.36 3.18
CA LYS A 28 9.96 -15.59 2.15
C LYS A 28 9.05 -15.15 1.05
N VAL A 29 9.37 -13.98 0.46
CA VAL A 29 8.66 -13.44 -0.70
C VAL A 29 9.69 -13.50 -1.84
N PHE A 30 9.28 -14.06 -3.00
CA PHE A 30 10.14 -14.23 -4.15
C PHE A 30 9.60 -13.59 -5.40
N LEU A 31 10.52 -13.23 -6.29
CA LEU A 31 10.22 -12.89 -7.65
C LEU A 31 10.25 -14.29 -8.31
N ALA A 32 9.30 -14.56 -9.18
CA ALA A 32 9.23 -15.85 -9.87
C ALA A 32 8.72 -15.66 -11.28
N GLU A 33 8.82 -16.70 -12.12
CA GLU A 33 8.23 -16.69 -13.47
C GLU A 33 7.03 -17.62 -13.40
N CYS A 34 5.92 -17.25 -14.07
CA CYS A 34 4.73 -18.09 -14.08
C CYS A 34 4.28 -18.33 -15.51
N TYR A 35 4.13 -19.62 -15.85
CA TYR A 35 3.77 -20.08 -17.17
C TYR A 35 2.30 -20.44 -17.21
N ASN A 36 1.69 -20.33 -18.42
CA ASN A 36 0.28 -20.71 -18.66
C ASN A 36 -0.73 -20.01 -17.75
N LEU A 37 -0.48 -18.71 -17.48
CA LEU A 37 -1.31 -17.88 -16.62
C LEU A 37 -1.81 -16.67 -17.40
N LYS A 43 5.52 -16.76 -20.62
CA LYS A 43 5.80 -16.56 -19.20
C LYS A 43 5.69 -15.11 -18.77
N ILE A 44 5.22 -14.90 -17.54
CA ILE A 44 5.15 -13.56 -16.95
C ILE A 44 5.85 -13.59 -15.60
N LEU A 45 6.33 -12.43 -15.16
CA LEU A 45 6.95 -12.30 -13.85
C LEU A 45 5.84 -12.16 -12.81
N VAL A 46 6.01 -12.84 -11.68
CA VAL A 46 5.04 -12.76 -10.57
C VAL A 46 5.79 -12.60 -9.28
N ALA A 47 5.08 -12.18 -8.22
CA ALA A 47 5.67 -12.16 -6.89
C ALA A 47 4.94 -13.25 -6.11
N VAL A 48 5.67 -14.12 -5.44
CA VAL A 48 5.06 -15.20 -4.69
C VAL A 48 5.36 -15.10 -3.19
N LYS A 49 4.36 -15.35 -2.37
CA LYS A 49 4.52 -15.40 -0.93
C LYS A 49 4.57 -16.90 -0.58
N THR A 50 5.57 -17.31 0.21
CA THR A 50 5.71 -18.73 0.54
C THR A 50 5.42 -19.04 2.01
N LEU A 51 4.98 -20.29 2.27
CA LEU A 51 4.73 -20.76 3.63
C LEU A 51 5.40 -22.14 3.73
N LYS A 52 6.56 -22.20 4.41
CA LYS A 52 7.41 -23.40 4.53
C LYS A 52 7.19 -24.23 5.79
N ASP A 53 7.06 -25.56 5.61
CA ASP A 53 6.88 -26.55 6.70
C ASP A 53 5.96 -26.09 7.83
N ALA A 54 4.79 -25.54 7.47
CA ALA A 54 3.89 -24.99 8.47
C ALA A 54 2.99 -26.01 9.15
N SER A 55 2.46 -25.65 10.33
CA SER A 55 1.53 -26.47 11.12
C SER A 55 0.18 -26.57 10.39
N ASP A 56 -0.71 -27.47 10.85
CA ASP A 56 -2.06 -27.62 10.29
C ASP A 56 -2.82 -26.28 10.35
N ASN A 57 -2.76 -25.59 11.52
CA ASN A 57 -3.41 -24.29 11.74
C ASN A 57 -2.84 -23.21 10.81
N ALA A 58 -1.51 -23.18 10.61
CA ALA A 58 -0.91 -22.19 9.72
C ALA A 58 -1.36 -22.41 8.26
N ARG A 59 -1.48 -23.69 7.83
CA ARG A 59 -1.92 -24.02 6.47
C ARG A 59 -3.40 -23.70 6.32
N LYS A 60 -4.20 -23.88 7.39
CA LYS A 60 -5.62 -23.52 7.39
C LYS A 60 -5.74 -22.00 7.19
N ASP A 61 -4.91 -21.23 7.93
CA ASP A 61 -4.90 -19.77 7.82
C ASP A 61 -4.50 -19.31 6.42
N PHE A 62 -3.54 -20.02 5.80
CA PHE A 62 -3.09 -19.72 4.44
C PHE A 62 -4.28 -19.86 3.46
N HIS A 63 -5.06 -20.99 3.56
CA HIS A 63 -6.22 -21.16 2.67
C HIS A 63 -7.31 -20.12 2.94
N ARG A 64 -7.52 -19.75 4.22
CA ARG A 64 -8.51 -18.72 4.57
C ARG A 64 -8.10 -17.36 3.98
N GLU A 65 -6.78 -17.04 4.00
CA GLU A 65 -6.28 -15.81 3.38
C GLU A 65 -6.45 -15.89 1.84
N ALA A 66 -6.19 -17.06 1.24
CA ALA A 66 -6.41 -17.22 -0.21
C ALA A 66 -7.90 -17.01 -0.53
N GLU A 67 -8.79 -17.52 0.31
CA GLU A 67 -10.24 -17.34 0.08
C GLU A 67 -10.69 -15.89 0.23
N LEU A 68 -9.97 -15.12 1.07
CA LEU A 68 -10.27 -13.68 1.20
C LEU A 68 -9.80 -12.95 -0.08
N LEU A 69 -8.53 -13.15 -0.45
CA LEU A 69 -7.91 -12.46 -1.60
C LEU A 69 -8.48 -12.80 -2.95
N THR A 70 -8.95 -14.06 -3.14
CA THR A 70 -9.50 -14.46 -4.43
C THR A 70 -10.67 -13.56 -4.83
N ASN A 71 -11.44 -13.08 -3.82
CA ASN A 71 -12.60 -12.26 -4.07
C ASN A 71 -12.35 -10.76 -4.14
N LEU A 72 -11.11 -10.33 -3.89
CA LEU A 72 -10.76 -8.90 -3.96
C LEU A 72 -10.07 -8.67 -5.30
N GLN A 73 -10.87 -8.32 -6.30
CA GLN A 73 -10.41 -8.15 -7.68
C GLN A 73 -10.93 -6.81 -8.16
N HIS A 74 -10.01 -5.89 -8.47
CA HIS A 74 -10.40 -4.54 -8.90
C HIS A 74 -9.21 -3.96 -9.68
N GLU A 75 -9.49 -2.99 -10.56
CA GLU A 75 -8.50 -2.28 -11.36
C GLU A 75 -7.34 -1.67 -10.56
N HIS A 76 -7.59 -1.30 -9.29
CA HIS A 76 -6.59 -0.64 -8.44
C HIS A 76 -6.18 -1.43 -7.22
N ILE A 77 -6.36 -2.78 -7.32
CA ILE A 77 -5.94 -3.71 -6.30
C ILE A 77 -4.97 -4.66 -6.97
N VAL A 78 -3.80 -4.88 -6.34
CA VAL A 78 -2.77 -5.80 -6.85
C VAL A 78 -3.37 -7.17 -7.10
N LYS A 79 -3.16 -7.70 -8.30
CA LYS A 79 -3.81 -8.95 -8.70
C LYS A 79 -3.29 -10.16 -7.95
N PHE A 80 -4.25 -10.89 -7.36
CA PHE A 80 -4.00 -12.19 -6.72
C PHE A 80 -4.42 -13.22 -7.78
N TYR A 81 -3.46 -14.09 -8.21
CA TYR A 81 -3.69 -15.08 -9.26
C TYR A 81 -4.13 -16.46 -8.77
N GLY A 82 -3.81 -16.77 -7.53
CA GLY A 82 -4.15 -18.07 -6.97
C GLY A 82 -3.05 -18.65 -6.13
N VAL A 83 -3.13 -19.96 -5.87
CA VAL A 83 -2.16 -20.62 -4.99
C VAL A 83 -1.64 -21.91 -5.62
N CYS A 84 -0.54 -22.40 -5.09
CA CYS A 84 -0.03 -23.73 -5.43
C CYS A 84 0.29 -24.38 -4.10
N VAL A 85 -0.39 -25.49 -3.78
CA VAL A 85 -0.19 -26.15 -2.49
C VAL A 85 0.21 -27.61 -2.74
N GLU A 86 0.65 -27.90 -3.97
CA GLU A 86 1.06 -29.25 -4.40
C GLU A 86 2.24 -29.78 -3.59
N GLY A 87 3.17 -28.90 -3.25
CA GLY A 87 4.34 -29.27 -2.45
C GLY A 87 4.60 -28.40 -1.24
N ASP A 88 5.87 -28.27 -0.88
CA ASP A 88 6.35 -27.48 0.24
C ASP A 88 7.55 -26.64 -0.23
N PRO A 89 7.50 -25.29 -0.14
CA PRO A 89 6.48 -24.47 0.53
C PRO A 89 5.17 -24.29 -0.24
N LEU A 90 4.11 -23.90 0.48
CA LEU A 90 2.82 -23.48 -0.09
C LEU A 90 3.14 -22.13 -0.76
N ILE A 91 2.48 -21.84 -1.88
CA ILE A 91 2.79 -20.62 -2.65
C ILE A 91 1.53 -19.80 -2.95
N MET A 92 1.57 -18.46 -2.71
CA MET A 92 0.50 -17.53 -3.08
C MET A 92 1.08 -16.68 -4.22
N VAL A 93 0.34 -16.57 -5.35
CA VAL A 93 0.87 -15.89 -6.54
C VAL A 93 0.20 -14.54 -6.77
N PHE A 94 1.02 -13.48 -6.95
CA PHE A 94 0.53 -12.13 -7.23
C PHE A 94 1.19 -11.54 -8.46
N GLU A 95 0.62 -10.48 -9.07
CA GLU A 95 1.31 -9.87 -10.21
C GLU A 95 2.55 -9.12 -9.70
N TYR A 96 3.60 -9.10 -10.55
CA TYR A 96 4.84 -8.35 -10.25
C TYR A 96 4.76 -7.09 -11.09
N MET A 97 4.54 -5.91 -10.44
CA MET A 97 4.34 -4.68 -11.21
C MET A 97 5.63 -4.12 -11.75
N LYS A 98 5.56 -3.60 -12.99
CA LYS A 98 6.71 -3.13 -13.75
C LYS A 98 7.60 -2.12 -13.04
N HIS A 99 7.01 -1.13 -12.35
CA HIS A 99 7.76 -0.01 -11.77
C HIS A 99 7.96 -0.02 -10.25
N GLY A 100 7.68 -1.16 -9.61
CA GLY A 100 7.93 -1.33 -8.19
C GLY A 100 7.05 -0.54 -7.24
N ASP A 101 7.48 -0.48 -5.97
CA ASP A 101 6.65 0.18 -4.98
C ASP A 101 6.59 1.70 -5.10
N LEU A 102 5.42 2.26 -4.76
CA LEU A 102 5.19 3.68 -4.91
C LEU A 102 6.11 4.56 -4.02
N ASN A 103 6.49 4.09 -2.83
CA ASN A 103 7.40 4.92 -2.01
C ASN A 103 8.75 5.12 -2.73
N LYS A 104 9.32 4.03 -3.28
CA LYS A 104 10.57 4.14 -4.05
C LYS A 104 10.37 5.03 -5.27
N PHE A 105 9.21 4.91 -5.93
CA PHE A 105 8.87 5.70 -7.11
C PHE A 105 8.80 7.19 -6.79
N LEU A 106 8.11 7.52 -5.68
CA LEU A 106 7.98 8.92 -5.28
C LEU A 106 9.36 9.50 -5.01
N ARG A 107 10.21 8.77 -4.24
CA ARG A 107 11.55 9.27 -3.93
C ARG A 107 12.44 9.44 -5.17
N ALA A 108 12.33 8.51 -6.13
CA ALA A 108 13.08 8.53 -7.40
C ALA A 108 12.74 9.74 -8.28
N HIS A 109 11.56 10.36 -8.03
CA HIS A 109 11.08 11.54 -8.78
C HIS A 109 10.97 12.77 -7.89
N GLY A 110 11.71 12.76 -6.79
CA GLY A 110 11.67 13.90 -5.88
C GLY A 110 12.73 14.94 -6.21
N PRO A 111 12.60 16.18 -5.67
CA PRO A 111 13.62 17.23 -5.95
C PRO A 111 15.06 16.81 -5.64
N ASP A 112 15.30 16.06 -4.55
CA ASP A 112 16.64 15.56 -4.19
C ASP A 112 17.22 14.62 -5.25
N ALA A 113 16.41 13.66 -5.74
CA ALA A 113 16.84 12.72 -6.78
C ALA A 113 17.19 13.47 -8.08
N VAL A 114 16.43 14.53 -8.39
CA VAL A 114 16.66 15.32 -9.62
C VAL A 114 18.01 16.04 -9.45
N LEU A 115 18.20 16.68 -8.30
CA LEU A 115 19.41 17.46 -7.98
C LEU A 115 20.69 16.59 -7.93
N MET A 116 20.60 15.39 -7.35
CA MET A 116 21.72 14.46 -7.15
C MET A 116 22.01 13.49 -8.29
N ALA A 117 21.23 13.54 -9.38
CA ALA A 117 21.45 12.62 -10.51
C ALA A 117 22.79 12.88 -11.18
N GLU A 118 23.63 11.83 -11.28
CA GLU A 118 24.96 11.85 -11.87
C GLU A 118 24.96 12.02 -13.40
N GLY A 119 24.06 11.31 -14.09
CA GLY A 119 23.90 11.36 -15.53
C GLY A 119 22.59 11.99 -15.95
N ASN A 120 21.79 11.28 -16.78
CA ASN A 120 20.48 11.74 -17.26
C ASN A 120 19.52 11.82 -16.06
N PRO A 121 19.07 13.03 -15.67
CA PRO A 121 18.23 13.13 -14.47
C PRO A 121 16.80 12.62 -14.63
N PRO A 122 16.17 12.20 -13.51
CA PRO A 122 14.74 11.83 -13.58
C PRO A 122 13.92 13.12 -13.71
N THR A 123 12.63 13.01 -14.05
CA THR A 123 11.78 14.18 -14.02
C THR A 123 11.19 14.30 -12.61
N GLU A 124 11.04 15.52 -12.13
CA GLU A 124 10.40 15.74 -10.84
C GLU A 124 8.90 15.43 -11.02
N LEU A 125 8.35 14.63 -10.11
CA LEU A 125 6.92 14.29 -10.14
C LEU A 125 6.07 15.56 -10.11
N THR A 126 5.19 15.73 -11.10
CA THR A 126 4.35 16.92 -11.21
C THR A 126 3.13 16.83 -10.29
N GLN A 127 2.46 17.97 -10.03
CA GLN A 127 1.23 18.01 -9.24
C GLN A 127 0.13 17.17 -9.90
N SER A 128 0.05 17.21 -11.25
CA SER A 128 -0.93 16.47 -12.03
C SER A 128 -0.70 14.96 -11.89
N GLN A 129 0.58 14.57 -11.87
CA GLN A 129 0.93 13.16 -11.69
C GLN A 129 0.62 12.72 -10.25
N MET A 130 0.85 13.60 -9.27
CA MET A 130 0.49 13.26 -7.88
C MET A 130 -1.03 13.03 -7.75
N LEU A 131 -1.83 13.90 -8.38
CA LEU A 131 -3.30 13.77 -8.33
C LEU A 131 -3.76 12.47 -8.97
N HIS A 132 -3.08 12.08 -10.07
CA HIS A 132 -3.46 10.86 -10.77
C HIS A 132 -3.16 9.63 -9.89
N ILE A 133 -2.02 9.62 -9.22
CA ILE A 133 -1.67 8.53 -8.31
C ILE A 133 -2.72 8.50 -7.16
N ALA A 134 -2.99 9.67 -6.56
CA ALA A 134 -3.93 9.76 -5.43
C ALA A 134 -5.34 9.26 -5.74
N GLN A 135 -5.89 9.65 -6.90
CA GLN A 135 -7.25 9.22 -7.23
C GLN A 135 -7.34 7.71 -7.40
N GLN A 136 -6.28 7.07 -7.91
CA GLN A 136 -6.30 5.62 -8.12
C GLN A 136 -6.28 4.88 -6.77
N ILE A 137 -5.49 5.39 -5.82
CA ILE A 137 -5.43 4.78 -4.49
C ILE A 137 -6.79 4.97 -3.82
N ALA A 138 -7.37 6.18 -3.94
CA ALA A 138 -8.69 6.40 -3.34
C ALA A 138 -9.73 5.45 -4.00
N ALA A 139 -9.62 5.19 -5.31
CA ALA A 139 -10.52 4.25 -6.02
C ALA A 139 -10.41 2.83 -5.46
N GLY A 140 -9.18 2.36 -5.23
CA GLY A 140 -8.97 1.05 -4.63
C GLY A 140 -9.58 0.95 -3.24
N MET A 141 -9.44 2.05 -2.45
CA MET A 141 -9.99 2.11 -1.10
C MET A 141 -11.51 2.12 -1.09
N VAL A 142 -12.14 2.76 -2.09
CA VAL A 142 -13.61 2.70 -2.21
C VAL A 142 -14.00 1.24 -2.41
N TYR A 143 -13.25 0.54 -3.29
CA TYR A 143 -13.55 -0.87 -3.55
C TYR A 143 -13.40 -1.72 -2.28
N LEU A 144 -12.27 -1.60 -1.58
CA LEU A 144 -12.05 -2.39 -0.36
C LEU A 144 -13.11 -2.12 0.69
N ALA A 145 -13.55 -0.85 0.84
CA ALA A 145 -14.62 -0.54 1.80
C ALA A 145 -15.93 -1.21 1.37
N SER A 146 -16.23 -1.23 0.06
CA SER A 146 -17.45 -1.89 -0.46
C SER A 146 -17.46 -3.38 -0.13
N GLN A 147 -16.27 -3.98 0.03
CA GLN A 147 -16.11 -5.39 0.33
C GLN A 147 -15.93 -5.63 1.86
N HIS A 148 -16.07 -4.58 2.69
CA HIS A 148 -15.91 -4.66 4.16
C HIS A 148 -14.51 -5.16 4.53
N PHE A 149 -13.53 -4.82 3.71
CA PHE A 149 -12.14 -5.22 3.95
C PHE A 149 -11.41 -4.05 4.63
N VAL A 150 -10.74 -4.36 5.75
CA VAL A 150 -9.95 -3.35 6.49
C VAL A 150 -8.48 -3.70 6.25
N HIS A 151 -7.72 -2.74 5.65
CA HIS A 151 -6.35 -2.97 5.22
C HIS A 151 -5.37 -3.06 6.40
N ARG A 152 -5.38 -2.00 7.27
CA ARG A 152 -4.54 -1.90 8.50
C ARG A 152 -3.10 -1.45 8.22
N ASP A 153 -2.62 -1.52 6.96
CA ASP A 153 -1.25 -1.05 6.68
C ASP A 153 -1.17 -0.30 5.34
N LEU A 154 -2.10 0.60 5.13
CA LEU A 154 -2.07 1.42 3.93
C LEU A 154 -0.94 2.44 4.06
N ALA A 155 -0.04 2.44 3.06
CA ALA A 155 1.15 3.31 3.02
C ALA A 155 1.64 3.25 1.57
N THR A 156 2.43 4.26 1.14
CA THR A 156 2.90 4.19 -0.26
C THR A 156 3.77 2.99 -0.55
N ARG A 157 4.51 2.48 0.43
CA ARG A 157 5.33 1.28 0.23
C ARG A 157 4.45 0.05 -0.10
N ASN A 158 3.13 0.11 0.26
CA ASN A 158 2.19 -0.97 -0.02
C ASN A 158 1.41 -0.76 -1.31
N CYS A 159 1.80 0.26 -2.10
CA CYS A 159 1.20 0.51 -3.41
C CYS A 159 2.25 0.21 -4.46
N LEU A 160 1.82 -0.25 -5.64
CA LEU A 160 2.73 -0.58 -6.72
C LEU A 160 2.42 0.26 -7.95
N VAL A 161 3.43 0.49 -8.80
CA VAL A 161 3.28 1.32 -10.00
C VAL A 161 3.55 0.46 -11.23
N GLY A 162 2.66 0.56 -12.23
CA GLY A 162 2.80 -0.16 -13.49
C GLY A 162 3.03 0.82 -14.63
N GLU A 163 2.77 0.38 -15.86
CA GLU A 163 2.90 1.28 -17.01
C GLU A 163 1.80 2.33 -17.00
N ASN A 164 2.04 3.46 -17.71
CA ASN A 164 1.05 4.53 -17.86
C ASN A 164 0.61 5.14 -16.52
N LEU A 165 1.55 5.14 -15.55
CA LEU A 165 1.34 5.64 -14.18
C LEU A 165 0.12 4.95 -13.52
N LEU A 166 -0.06 3.66 -13.84
CA LEU A 166 -1.12 2.88 -13.19
C LEU A 166 -0.63 2.56 -11.77
N VAL A 167 -1.49 2.70 -10.78
CA VAL A 167 -1.17 2.45 -9.36
C VAL A 167 -2.20 1.48 -8.77
N LYS A 168 -1.72 0.51 -7.99
CA LYS A 168 -2.59 -0.46 -7.35
C LYS A 168 -2.19 -0.60 -5.88
N ILE A 169 -3.15 -0.96 -5.02
CA ILE A 169 -2.91 -1.20 -3.60
C ILE A 169 -2.73 -2.68 -3.34
N GLY A 170 -1.68 -3.01 -2.60
CA GLY A 170 -1.45 -4.39 -2.16
C GLY A 170 -1.05 -4.39 -0.70
N ASP A 171 -0.35 -5.45 -0.28
CA ASP A 171 0.21 -5.51 1.07
C ASP A 171 1.34 -6.51 0.98
N PHE A 172 2.57 -6.02 1.01
CA PHE A 172 3.73 -6.90 0.94
C PHE A 172 3.71 -7.82 2.17
N GLY A 173 3.19 -7.29 3.29
CA GLY A 173 3.11 -8.02 4.54
C GLY A 173 4.49 -8.47 4.99
N MET A 174 5.44 -7.52 5.01
CA MET A 174 6.84 -7.80 5.42
C MET A 174 6.89 -8.23 6.88
N SER A 175 8.00 -8.88 7.25
CA SER A 175 8.23 -9.22 8.67
C SER A 175 8.49 -7.90 9.39
N ARG A 176 7.64 -7.55 10.34
CA ARG A 176 7.76 -6.27 11.03
C ARG A 176 8.88 -6.29 12.07
N ASP A 177 9.38 -7.49 12.38
CA ASP A 177 10.52 -7.62 13.30
C ASP A 177 11.82 -7.46 12.55
N VAL A 178 11.89 -7.95 11.29
CA VAL A 178 13.08 -7.85 10.46
C VAL A 178 13.24 -6.43 9.95
N TYR A 179 12.12 -5.81 9.49
CA TYR A 179 12.15 -4.45 8.95
C TYR A 179 11.28 -3.57 9.86
N SER A 180 11.86 -3.09 10.96
CA SER A 180 11.12 -2.35 11.97
C SER A 180 11.00 -0.84 11.77
N THR A 181 11.66 -0.25 10.77
CA THR A 181 11.65 1.21 10.56
C THR A 181 10.26 1.82 10.62
N ASP A 182 9.31 1.21 9.92
CA ASP A 182 7.97 1.78 9.84
C ASP A 182 6.99 1.19 10.84
N TYR A 183 7.49 0.45 11.85
CA TYR A 183 6.62 -0.19 12.83
C TYR A 183 7.08 0.11 14.23
N TYR A 184 6.17 -0.02 15.19
CA TYR A 184 6.47 0.25 16.59
C TYR A 184 5.78 -0.84 17.40
N ARG A 185 6.42 -1.32 18.49
CA ARG A 185 5.84 -2.41 19.29
C ARG A 185 4.82 -1.85 20.30
N VAL A 186 3.60 -1.56 19.83
CA VAL A 186 2.53 -0.97 20.64
C VAL A 186 2.27 -1.84 21.88
N GLY A 187 2.31 -1.23 23.06
CA GLY A 187 2.10 -1.94 24.33
C GLY A 187 3.13 -3.00 24.65
N GLY A 188 4.24 -3.02 23.90
CA GLY A 188 5.27 -4.04 24.03
C GLY A 188 4.83 -5.38 23.48
N HIS A 189 3.71 -5.38 22.73
CA HIS A 189 3.09 -6.60 22.24
C HIS A 189 3.00 -6.76 20.73
N THR A 190 2.49 -5.75 20.02
CA THR A 190 2.21 -5.92 18.59
C THR A 190 2.92 -4.86 17.74
N MET A 191 3.61 -5.29 16.66
CA MET A 191 4.26 -4.34 15.75
C MET A 191 3.19 -3.71 14.85
N LEU A 192 3.01 -2.38 14.99
CA LEU A 192 2.00 -1.63 14.24
C LEU A 192 2.57 -0.36 13.59
N PRO A 193 2.01 0.02 12.41
CA PRO A 193 2.55 1.19 11.67
C PRO A 193 2.01 2.52 12.21
N ILE A 194 2.45 2.88 13.44
CA ILE A 194 1.96 4.07 14.15
C ILE A 194 1.95 5.36 13.34
N ARG A 195 2.96 5.59 12.48
CA ARG A 195 3.04 6.85 11.73
C ARG A 195 1.86 7.06 10.78
N TRP A 196 1.18 5.95 10.40
CA TRP A 196 0.02 6.00 9.50
C TRP A 196 -1.31 5.77 10.24
N MET A 197 -1.26 5.64 11.57
CA MET A 197 -2.43 5.30 12.35
C MET A 197 -3.12 6.42 13.09
N PRO A 198 -4.46 6.30 13.27
CA PRO A 198 -5.20 7.27 14.10
C PRO A 198 -5.10 6.93 15.61
N PRO A 199 -5.55 7.88 16.47
CA PRO A 199 -5.49 7.64 17.93
C PRO A 199 -6.16 6.36 18.42
N GLU A 200 -7.35 6.02 17.88
CA GLU A 200 -8.07 4.82 18.38
C GLU A 200 -7.37 3.52 18.02
N SER A 201 -6.63 3.52 16.89
CA SER A 201 -5.88 2.32 16.51
C SER A 201 -4.66 2.16 17.39
N ILE A 202 -4.00 3.27 17.73
CA ILE A 202 -2.81 3.22 18.60
C ILE A 202 -3.22 2.82 20.01
N MET A 203 -4.17 3.57 20.55
CA MET A 203 -4.58 3.43 21.97
C MET A 203 -5.46 2.22 22.29
N TYR A 204 -6.36 1.85 21.37
CA TYR A 204 -7.31 0.76 21.61
C TYR A 204 -7.24 -0.39 20.62
N ARG A 205 -6.30 -0.30 19.67
CA ARG A 205 -6.11 -1.33 18.64
C ARG A 205 -7.40 -1.58 17.82
N LYS A 206 -8.19 -0.49 17.62
CA LYS A 206 -9.42 -0.57 16.85
C LYS A 206 -9.12 -0.19 15.41
N PHE A 207 -9.27 -1.16 14.49
CA PHE A 207 -9.01 -0.91 13.06
C PHE A 207 -10.32 -1.03 12.29
N THR A 208 -10.63 -0.03 11.45
CA THR A 208 -11.89 0.02 10.71
C THR A 208 -11.66 0.68 9.37
N THR A 209 -12.73 0.78 8.55
CA THR A 209 -12.67 1.54 7.28
C THR A 209 -12.20 2.98 7.61
N GLU A 210 -12.66 3.53 8.75
CA GLU A 210 -12.32 4.88 9.19
C GLU A 210 -10.85 5.07 9.60
N SER A 211 -10.20 4.03 10.20
CA SER A 211 -8.77 4.14 10.47
C SER A 211 -8.00 4.03 9.13
N ASP A 212 -8.55 3.27 8.14
CA ASP A 212 -7.91 3.23 6.80
C ASP A 212 -8.00 4.61 6.13
N VAL A 213 -9.12 5.36 6.37
CA VAL A 213 -9.28 6.72 5.83
C VAL A 213 -8.19 7.61 6.41
N TRP A 214 -7.93 7.52 7.73
CA TRP A 214 -6.84 8.28 8.33
C TRP A 214 -5.51 7.97 7.59
N SER A 215 -5.22 6.67 7.40
CA SER A 215 -4.01 6.23 6.68
C SER A 215 -3.98 6.82 5.25
N LEU A 216 -5.14 6.86 4.58
CA LEU A 216 -5.19 7.45 3.25
C LEU A 216 -4.76 8.93 3.28
N GLY A 217 -5.15 9.65 4.32
CA GLY A 217 -4.71 11.03 4.49
C GLY A 217 -3.18 11.10 4.57
N VAL A 218 -2.57 10.18 5.32
CA VAL A 218 -1.11 10.11 5.44
C VAL A 218 -0.49 9.74 4.08
N VAL A 219 -1.11 8.81 3.34
CA VAL A 219 -0.61 8.46 1.99
C VAL A 219 -0.64 9.71 1.09
N LEU A 220 -1.70 10.52 1.16
CA LEU A 220 -1.74 11.77 0.35
C LEU A 220 -0.58 12.66 0.75
N TRP A 221 -0.30 12.78 2.08
CA TRP A 221 0.86 13.54 2.54
C TRP A 221 2.16 12.94 1.95
N GLU A 222 2.33 11.58 1.95
CA GLU A 222 3.54 10.98 1.36
C GLU A 222 3.64 11.35 -0.12
N ILE A 223 2.51 11.30 -0.86
CA ILE A 223 2.55 11.58 -2.31
C ILE A 223 3.08 12.99 -2.58
N PHE A 224 2.44 13.97 -1.94
CA PHE A 224 2.77 15.38 -2.14
C PHE A 224 4.11 15.82 -1.55
N THR A 225 4.78 14.95 -0.79
CA THR A 225 6.11 15.24 -0.24
C THR A 225 7.18 14.37 -0.89
N TYR A 226 6.83 13.75 -2.03
CA TYR A 226 7.75 12.89 -2.75
C TYR A 226 8.27 11.71 -1.93
N GLY A 227 7.39 11.09 -1.12
CA GLY A 227 7.74 9.88 -0.39
C GLY A 227 8.48 10.04 0.91
N LYS A 228 8.48 11.27 1.51
CA LYS A 228 9.15 11.46 2.80
C LYS A 228 8.48 10.60 3.86
N GLN A 229 9.24 10.19 4.89
CA GLN A 229 8.64 9.41 5.95
C GLN A 229 7.69 10.33 6.77
N PRO A 230 6.43 9.94 7.04
CA PRO A 230 5.56 10.79 7.88
C PRO A 230 6.21 11.03 9.25
N TRP A 231 6.20 12.30 9.72
CA TRP A 231 6.76 12.70 11.03
C TRP A 231 8.26 12.36 11.12
N TYR A 232 9.01 12.44 10.00
CA TYR A 232 10.44 12.07 9.97
C TYR A 232 11.30 12.78 11.03
N GLN A 233 10.87 13.97 11.50
CA GLN A 233 11.59 14.77 12.51
C GLN A 233 11.48 14.15 13.89
N LEU A 234 10.54 13.19 14.09
CA LEU A 234 10.20 12.63 15.39
C LEU A 234 10.59 11.21 15.63
N SER A 235 10.81 10.90 16.93
CA SER A 235 11.00 9.52 17.37
C SER A 235 9.59 8.88 17.38
N ASN A 236 9.53 7.55 17.48
CA ASN A 236 8.25 6.86 17.59
C ASN A 236 7.39 7.37 18.78
N ASN A 237 8.00 7.57 19.96
CA ASN A 237 7.21 8.05 21.08
C ASN A 237 6.69 9.47 20.87
N GLU A 238 7.46 10.31 20.16
CA GLU A 238 7.03 11.66 19.84
C GLU A 238 5.86 11.61 18.85
N VAL A 239 5.91 10.65 17.90
CA VAL A 239 4.82 10.49 16.93
C VAL A 239 3.51 10.19 17.67
N ILE A 240 3.57 9.23 18.59
CA ILE A 240 2.39 8.82 19.36
C ILE A 240 1.80 9.99 20.14
N GLU A 241 2.65 10.76 20.81
CA GLU A 241 2.22 11.95 21.53
C GLU A 241 1.52 12.95 20.59
N CYS A 242 2.09 13.22 19.39
CA CYS A 242 1.44 14.16 18.46
C CYS A 242 0.07 13.66 18.00
N ILE A 243 0.00 12.39 17.60
CA ILE A 243 -1.26 11.83 17.08
C ILE A 243 -2.35 11.86 18.14
N THR A 244 -2.04 11.35 19.34
CA THR A 244 -3.03 11.28 20.43
C THR A 244 -3.37 12.66 20.97
N GLN A 245 -2.47 13.66 20.86
CA GLN A 245 -2.80 15.01 21.34
C GLN A 245 -3.57 15.84 20.31
N GLY A 246 -3.49 15.46 19.03
CA GLY A 246 -4.18 16.25 18.01
C GLY A 246 -3.33 17.16 17.17
N ARG A 247 -1.98 16.96 17.18
CA ARG A 247 -1.11 17.74 16.28
C ARG A 247 -1.16 17.05 14.91
N VAL A 248 -0.96 17.79 13.82
CA VAL A 248 -1.05 17.24 12.46
C VAL A 248 0.20 17.40 11.64
N LEU A 249 0.33 16.54 10.62
CA LEU A 249 1.42 16.64 9.66
C LEU A 249 1.29 17.99 8.93
N GLN A 250 2.44 18.62 8.64
CA GLN A 250 2.50 19.93 8.01
C GLN A 250 2.02 19.87 6.58
N ARG A 251 1.57 21.01 6.10
CA ARG A 251 1.15 21.09 4.71
C ARG A 251 2.37 20.88 3.78
N PRO A 252 2.28 19.99 2.77
CA PRO A 252 3.43 19.82 1.86
C PRO A 252 3.76 21.14 1.15
N ARG A 253 5.02 21.39 0.84
CA ARG A 253 5.47 22.63 0.18
C ARG A 253 4.58 22.99 -1.01
N THR A 254 4.33 22.04 -1.91
CA THR A 254 3.45 22.23 -3.06
C THR A 254 2.35 21.20 -2.96
N CYS A 255 1.13 21.66 -2.76
CA CYS A 255 -0.07 20.83 -2.58
C CYS A 255 -1.23 21.75 -2.90
N PRO A 256 -2.25 21.36 -3.67
CA PRO A 256 -3.44 22.22 -3.78
C PRO A 256 -4.03 22.38 -2.36
N GLN A 257 -4.51 23.58 -2.00
CA GLN A 257 -5.11 23.82 -0.66
C GLN A 257 -6.25 22.87 -0.36
N GLU A 258 -7.13 22.58 -1.38
CA GLU A 258 -8.23 21.63 -1.25
C GLU A 258 -7.72 20.24 -0.87
N VAL A 259 -6.54 19.85 -1.40
CA VAL A 259 -5.94 18.53 -1.10
C VAL A 259 -5.45 18.50 0.35
N TYR A 260 -4.79 19.59 0.84
CA TYR A 260 -4.40 19.59 2.26
C TYR A 260 -5.64 19.55 3.16
N GLU A 261 -6.71 20.27 2.79
CA GLU A 261 -7.95 20.25 3.59
C GLU A 261 -8.62 18.86 3.57
N LEU A 262 -8.47 18.14 2.44
CA LEU A 262 -8.95 16.76 2.33
C LEU A 262 -8.18 15.91 3.36
N MET A 263 -6.83 16.08 3.45
CA MET A 263 -6.00 15.34 4.44
C MET A 263 -6.49 15.64 5.85
N LEU A 264 -6.76 16.92 6.13
CA LEU A 264 -7.24 17.32 7.46
C LEU A 264 -8.56 16.66 7.79
N GLY A 265 -9.41 16.48 6.77
CA GLY A 265 -10.70 15.82 6.91
C GLY A 265 -10.55 14.34 7.20
N CYS A 266 -9.42 13.73 6.78
CA CYS A 266 -9.10 12.33 7.07
C CYS A 266 -8.63 12.20 8.53
N TRP A 267 -8.10 13.31 9.08
CA TRP A 267 -7.48 13.32 10.40
C TRP A 267 -8.33 13.80 11.57
N GLN A 268 -9.65 13.74 11.41
CA GLN A 268 -10.55 14.07 12.51
C GLN A 268 -10.33 13.05 13.61
N ARG A 269 -10.27 13.50 14.89
CA ARG A 269 -10.02 12.58 16.01
C ARG A 269 -11.09 11.48 16.07
N GLU A 270 -12.37 11.87 15.90
CA GLU A 270 -13.50 10.92 15.98
C GLU A 270 -13.68 10.21 14.64
N PRO A 271 -13.50 8.85 14.63
CA PRO A 271 -13.58 8.11 13.35
C PRO A 271 -14.83 8.43 12.52
N HIS A 272 -16.00 8.51 13.18
CA HIS A 272 -17.26 8.81 12.48
C HIS A 272 -17.31 10.21 11.86
N MET A 273 -16.45 11.12 12.32
CA MET A 273 -16.44 12.47 11.75
C MET A 273 -15.43 12.67 10.60
N ARG A 274 -14.67 11.61 10.26
CA ARG A 274 -13.71 11.69 9.14
C ARG A 274 -14.47 11.74 7.82
N LYS A 275 -13.83 12.33 6.79
CA LYS A 275 -14.38 12.40 5.45
C LYS A 275 -14.67 10.96 4.97
N ASN A 276 -15.80 10.76 4.29
CA ASN A 276 -16.19 9.42 3.81
C ASN A 276 -15.35 9.06 2.58
N ILE A 277 -14.94 7.78 2.46
CA ILE A 277 -14.08 7.35 1.35
C ILE A 277 -14.64 7.69 -0.05
N LYS A 278 -15.97 7.53 -0.25
CA LYS A 278 -16.55 7.85 -1.57
C LYS A 278 -16.34 9.33 -1.94
N GLY A 279 -16.51 10.24 -0.97
CA GLY A 279 -16.34 11.67 -1.15
C GLY A 279 -14.90 12.05 -1.45
N ILE A 280 -13.94 11.37 -0.77
CA ILE A 280 -12.51 11.58 -0.97
C ILE A 280 -12.17 11.22 -2.42
N HIS A 281 -12.65 10.05 -2.87
CA HIS A 281 -12.41 9.56 -4.22
C HIS A 281 -13.01 10.51 -5.23
N THR A 282 -14.29 10.92 -5.03
CA THR A 282 -14.95 11.85 -5.96
C THR A 282 -14.16 13.13 -6.12
N LEU A 283 -13.69 13.72 -5.00
CA LEU A 283 -12.93 14.97 -5.10
C LEU A 283 -11.60 14.78 -5.86
N LEU A 284 -10.85 13.72 -5.52
CA LEU A 284 -9.57 13.49 -6.20
C LEU A 284 -9.76 13.19 -7.66
N GLN A 285 -10.79 12.41 -8.01
CA GLN A 285 -11.08 12.06 -9.40
C GLN A 285 -11.35 13.35 -10.18
N ASN A 286 -12.17 14.26 -9.60
CA ASN A 286 -12.47 15.56 -10.23
C ASN A 286 -11.25 16.46 -10.41
N LEU A 287 -10.40 16.56 -9.38
CA LEU A 287 -9.18 17.35 -9.49
C LEU A 287 -8.24 16.74 -10.52
N ALA A 288 -8.11 15.41 -10.54
CA ALA A 288 -7.19 14.75 -11.49
C ALA A 288 -7.63 14.96 -12.95
N LYS A 289 -8.94 14.84 -13.23
CA LYS A 289 -9.50 15.01 -14.58
C LYS A 289 -9.29 16.45 -15.06
N ALA A 290 -9.32 17.44 -14.15
CA ALA A 290 -9.08 18.84 -14.49
C ALA A 290 -7.57 19.18 -14.67
N SER A 291 -6.65 18.28 -14.23
CA SER A 291 -5.18 18.45 -14.34
C SER A 291 -4.60 17.10 -14.78
N PRO A 292 -4.87 16.72 -16.05
CA PRO A 292 -4.48 15.39 -16.54
C PRO A 292 -2.98 15.22 -16.72
N VAL A 293 -2.58 13.96 -16.84
CA VAL A 293 -1.19 13.61 -17.06
C VAL A 293 -0.89 13.53 -18.56
N TYR A 294 0.13 14.27 -18.97
CA TYR A 294 0.55 14.24 -20.37
C TYR A 294 2.06 14.38 -20.62
N LEU A 295 2.81 14.86 -19.62
CA LEU A 295 4.24 15.02 -19.79
C LEU A 295 5.00 13.69 -19.71
N ASP A 296 6.13 13.62 -20.39
CA ASP A 296 6.96 12.42 -20.34
C ASP A 296 7.54 12.34 -18.92
N ILE A 297 7.69 11.12 -18.42
CA ILE A 297 8.22 10.82 -17.09
C ILE A 297 9.50 10.01 -17.28
N LEU A 298 10.60 10.56 -16.77
CA LEU A 298 11.92 9.95 -16.95
C LEU A 298 12.53 9.53 -15.64
N GLY A 299 13.45 8.57 -15.72
CA GLY A 299 14.24 8.07 -14.60
C GLY A 299 13.42 7.39 -13.52
N1 MUJ B . 5.68 -6.20 -7.32
C2 MUJ B . 6.15 -7.02 -5.09
C3 MUJ B . 5.35 -6.99 -6.28
C4 MUJ B . 7.26 -6.19 -5.10
C5 MUJ B . 6.79 -5.44 -7.20
N6 MUJ B . 7.61 -5.40 -6.12
C7 MUJ B . 5.81 -7.89 -3.91
C8 MUJ B . 4.37 -7.81 -3.44
C9 MUJ B . 2.27 -8.88 -2.92
C10 MUJ B . 3.59 -8.95 -3.35
C11 MUJ B . 1.72 -7.66 -2.58
C12 MUJ B . 3.82 -6.59 -3.09
C13 MUJ B . 2.51 -6.50 -2.67
O14 MUJ B . 1.88 -5.33 -2.31
C15 MUJ B . 2.64 -4.13 -2.38
O16 MUJ B . 0.44 -7.48 -2.15
C17 MUJ B . -0.42 -8.62 -2.15
C18 MUJ B . -1.84 -8.17 -1.92
C19 MUJ B . -3.61 -7.52 -0.42
C20 MUJ B . -2.31 -7.94 -0.64
C21 MUJ B . -4.45 -7.33 -1.50
C22 MUJ B . -2.70 -7.97 -2.99
C23 MUJ B . -4.00 -7.55 -2.78
O24 MUJ B . -5.74 -6.91 -1.29
C25 MUJ B . -6.16 -6.70 0.06
N26 MUJ B . 4.26 -7.73 -6.41
N27 MUJ B . 7.11 -4.65 -8.23
C1 GOL C . 5.59 4.87 -14.81
O1 GOL C . 4.35 4.38 -15.39
C2 GOL C . 6.57 5.34 -15.86
O2 GOL C . 5.95 6.43 -16.58
C3 GOL C . 7.85 5.86 -15.23
O3 GOL C . 8.46 4.80 -14.45
#